data_5NFS
#
_entry.id   5NFS
#
_cell.length_a   77.657
_cell.length_b   64.354
_cell.length_c   39.477
_cell.angle_alpha   90.00
_cell.angle_beta   115.44
_cell.angle_gamma   90.00
#
_symmetry.space_group_name_H-M   'C 1 2 1'
#
loop_
_entity.id
_entity.type
_entity.pdbx_description
1 polymer 'Genome polyprotein'
2 non-polymer (S)-N-benzyl-3-((S)-2-cinnamamido-3-phenylpropanamido)-2-oxo-4-((S)-2-oxopyrrolidin-3-yl)butanamide
3 water water
#
_entity_poly.entity_id   1
_entity_poly.type   'polypeptide(L)'
_entity_poly.pdbx_seq_one_letter_code
;MGPAFEFAVAMMKRNSSTVKTEYGEFTMLGIYDRWAVLPRHAKPGPTILMNDQEVGVLDAKELVDKDGTNLELTLLKLNR
NEKFRDIRGFLAKEEVEVNEAVLAINTSKFPNMYIPVGQVTEYGFLNLGGTPTKRMLMYNFPTRAGQCGGVLMSTGKVLG
IHVGGNGHQGFSAALLKHYFNDEQ
;
_entity_poly.pdbx_strand_id   A
#
# COMPACT_ATOMS: atom_id res chain seq x y z
N GLY A 2 -0.63 -3.07 20.45
CA GLY A 2 -1.35 -4.32 20.94
C GLY A 2 -2.57 -4.47 19.99
N PRO A 3 -3.60 -3.62 20.18
CA PRO A 3 -4.75 -3.53 19.29
C PRO A 3 -4.42 -3.32 17.85
N ALA A 4 -3.39 -2.50 17.54
CA ALA A 4 -3.03 -2.23 16.19
C ALA A 4 -2.45 -3.47 15.50
N PHE A 5 -1.56 -4.20 16.19
CA PHE A 5 -1.09 -5.51 15.69
C PHE A 5 -2.25 -6.50 15.44
N GLU A 6 -3.20 -6.58 16.39
CA GLU A 6 -4.36 -7.46 16.18
C GLU A 6 -5.12 -7.05 14.94
N PHE A 7 -5.30 -5.74 14.78
CA PHE A 7 -5.98 -5.15 13.62
C PHE A 7 -5.26 -5.46 12.34
N ALA A 8 -3.94 -5.27 12.38
CA ALA A 8 -3.06 -5.54 11.19
C ALA A 8 -3.11 -6.99 10.74
N VAL A 9 -3.00 -7.90 11.70
CA VAL A 9 -2.98 -9.30 11.37
C VAL A 9 -4.29 -9.73 10.66
N ALA A 10 -5.42 -9.32 11.22
CA ALA A 10 -6.72 -9.63 10.64
C ALA A 10 -6.94 -8.99 9.26
N MET A 11 -6.45 -7.74 9.09
CA MET A 11 -6.53 -7.01 7.82
C MET A 11 -5.72 -7.75 6.76
N MET A 12 -4.51 -8.16 7.14
CA MET A 12 -3.66 -8.87 6.20
C MET A 12 -4.24 -10.20 5.80
N LYS A 13 -4.81 -10.94 6.77
CA LYS A 13 -5.41 -12.24 6.48
C LYS A 13 -6.57 -12.07 5.49
N ARG A 14 -7.41 -11.05 5.69
CA ARG A 14 -8.60 -10.90 4.88
C ARG A 14 -8.36 -10.23 3.55
N ASN A 15 -7.46 -9.28 3.47
CA ASN A 15 -7.41 -8.42 2.29
C ASN A 15 -6.09 -8.35 1.58
N SER A 16 -5.01 -9.00 2.10
CA SER A 16 -3.70 -8.81 1.43
C SER A 16 -3.31 -10.05 0.65
N SER A 17 -2.43 -9.88 -0.31
CA SER A 17 -1.88 -10.98 -1.07
C SER A 17 -0.47 -10.56 -1.56
N THR A 18 0.25 -11.54 -2.12
CA THR A 18 1.63 -11.39 -2.63
C THR A 18 1.53 -11.31 -4.12
N VAL A 19 2.05 -10.24 -4.71
CA VAL A 19 1.99 -10.13 -6.18
C VAL A 19 3.39 -10.04 -6.80
N LYS A 20 3.54 -10.63 -7.97
CA LYS A 20 4.76 -10.51 -8.76
C LYS A 20 4.39 -9.86 -10.05
N THR A 21 5.13 -8.81 -10.37
CA THR A 21 5.12 -8.20 -11.70
C THR A 21 6.51 -8.42 -12.27
N GLU A 22 6.70 -7.90 -13.46
CA GLU A 22 8.02 -7.94 -14.07
C GLU A 22 9.08 -7.10 -13.31
N TYR A 23 8.64 -6.25 -12.43
CA TYR A 23 9.49 -5.29 -11.67
C TYR A 23 9.73 -5.77 -10.23
N GLY A 24 9.04 -6.84 -9.80
CA GLY A 24 9.38 -7.41 -8.49
C GLY A 24 8.23 -8.06 -7.80
N GLU A 25 8.45 -8.30 -6.52
CA GLU A 25 7.40 -8.90 -5.67
C GLU A 25 6.98 -7.91 -4.64
N PHE A 26 5.67 -7.73 -4.49
CA PHE A 26 5.09 -6.72 -3.65
C PHE A 26 3.91 -7.31 -2.85
N THR A 27 3.63 -6.66 -1.75
CA THR A 27 2.41 -6.83 -0.96
C THR A 27 1.33 -6.07 -1.72
N MET A 28 0.17 -6.69 -1.84
CA MET A 28 -0.99 -6.09 -2.48
C MET A 28 -2.15 -6.07 -1.49
N LEU A 29 -2.86 -4.92 -1.45
CA LEU A 29 -4.04 -4.80 -0.63
C LEU A 29 -5.30 -4.66 -1.53
N GLY A 30 -6.28 -5.54 -1.31
CA GLY A 30 -7.53 -5.50 -2.00
C GLY A 30 -8.42 -4.54 -1.21
N ILE A 31 -9.14 -3.68 -1.92
CA ILE A 31 -9.89 -2.63 -1.29
C ILE A 31 -11.38 -2.88 -1.21
N TYR A 32 -11.99 -3.16 -2.32
CA TYR A 32 -13.40 -3.57 -2.33
C TYR A 32 -13.68 -4.14 -3.71
N ASP A 33 -14.73 -4.96 -3.86
CA ASP A 33 -15.10 -5.51 -5.20
C ASP A 33 -13.83 -6.19 -5.80
N ARG A 34 -13.40 -5.85 -7.03
CA ARG A 34 -12.17 -6.40 -7.62
C ARG A 34 -11.04 -5.37 -7.77
N TRP A 35 -11.10 -4.30 -6.97
CA TRP A 35 -10.14 -3.23 -7.04
C TRP A 35 -9.11 -3.40 -5.93
N ALA A 36 -7.83 -3.42 -6.29
CA ALA A 36 -6.72 -3.51 -5.35
C ALA A 36 -5.76 -2.34 -5.61
N VAL A 37 -4.75 -2.21 -4.76
CA VAL A 37 -3.73 -1.17 -4.90
C VAL A 37 -2.33 -1.73 -4.76
N LEU A 38 -1.41 -1.20 -5.56
CA LEU A 38 0.04 -1.46 -5.47
C LEU A 38 0.81 -0.15 -5.51
N PRO A 39 2.06 -0.16 -5.06
CA PRO A 39 2.90 0.96 -5.40
C PRO A 39 3.03 1.13 -6.91
N ARG A 40 3.03 2.38 -7.38
CA ARG A 40 3.04 2.68 -8.83
C ARG A 40 4.17 1.95 -9.59
N HIS A 41 5.31 1.95 -8.93
CA HIS A 41 6.52 1.34 -9.42
C HIS A 41 6.51 -0.18 -9.58
N ALA A 42 5.56 -0.88 -8.98
CA ALA A 42 5.26 -2.26 -9.40
C ALA A 42 4.93 -2.43 -10.89
N LYS A 43 4.44 -1.35 -11.56
CA LYS A 43 4.20 -1.35 -13.00
C LYS A 43 3.57 -2.63 -13.56
N PRO A 44 2.41 -2.97 -13.01
CA PRO A 44 1.66 -4.13 -13.42
C PRO A 44 1.37 -4.06 -14.90
N GLY A 45 1.56 -5.19 -15.59
CA GLY A 45 1.30 -5.28 -17.00
C GLY A 45 -0.14 -5.73 -17.21
N PRO A 46 -0.42 -6.33 -18.40
CA PRO A 46 -1.81 -6.81 -18.55
C PRO A 46 -2.09 -8.09 -17.74
N THR A 47 -1.06 -8.75 -17.20
CA THR A 47 -1.23 -9.91 -16.29
C THR A 47 -0.29 -9.76 -15.06
N ILE A 48 -0.74 -10.17 -13.87
CA ILE A 48 0.11 -10.21 -12.67
C ILE A 48 0.07 -11.62 -12.11
N LEU A 49 1.02 -12.00 -11.28
CA LEU A 49 0.89 -13.23 -10.44
C LEU A 49 0.38 -12.86 -9.05
N MET A 50 -0.78 -13.37 -8.63
CA MET A 50 -1.33 -13.10 -7.33
C MET A 50 -1.35 -14.45 -6.61
N ASN A 51 -0.73 -14.51 -5.45
CA ASN A 51 -0.44 -15.78 -4.80
C ASN A 51 -0.13 -16.86 -5.83
N ASP A 52 0.89 -16.60 -6.65
CA ASP A 52 1.33 -17.53 -7.70
C ASP A 52 0.39 -17.79 -8.88
N GLN A 53 -0.82 -17.25 -8.89
CA GLN A 53 -1.80 -17.54 -9.97
C GLN A 53 -1.84 -16.33 -10.93
N GLU A 54 -1.87 -16.63 -12.21
CA GLU A 54 -1.94 -15.61 -13.23
C GLU A 54 -3.34 -14.99 -13.20
N VAL A 55 -3.41 -13.67 -13.08
CA VAL A 55 -4.67 -12.95 -13.02
C VAL A 55 -4.61 -11.81 -14.02
N GLY A 56 -5.67 -11.62 -14.80
CA GLY A 56 -5.77 -10.50 -15.73
C GLY A 56 -6.02 -9.18 -15.02
N VAL A 57 -5.44 -8.13 -15.57
CA VAL A 57 -5.70 -6.81 -15.10
C VAL A 57 -6.60 -6.20 -16.15
N LEU A 58 -7.86 -6.03 -15.76
CA LEU A 58 -8.88 -5.39 -16.58
C LEU A 58 -8.58 -3.92 -16.80
N ASP A 59 -8.25 -3.22 -15.72
CA ASP A 59 -7.95 -1.80 -15.79
C ASP A 59 -6.89 -1.44 -14.74
N ALA A 60 -6.04 -0.48 -15.09
CA ALA A 60 -5.02 0.05 -14.20
C ALA A 60 -4.96 1.57 -14.27
N LYS A 61 -4.94 2.22 -13.10
CA LYS A 61 -5.03 3.68 -12.95
C LYS A 61 -3.88 4.15 -12.09
N GLU A 62 -2.93 4.84 -12.70
CA GLU A 62 -1.87 5.45 -11.95
C GLU A 62 -2.31 6.79 -11.38
N LEU A 63 -2.45 6.89 -10.06
CA LEU A 63 -3.09 8.09 -9.46
C LEU A 63 -2.18 9.33 -9.44
N VAL A 64 -2.74 10.47 -9.83
CA VAL A 64 -2.08 11.76 -9.65
C VAL A 64 -3.08 12.73 -9.00
N ASP A 65 -2.58 13.83 -8.44
CA ASP A 65 -3.46 14.86 -7.86
C ASP A 65 -4.04 15.77 -8.94
N LYS A 66 -4.64 16.89 -8.55
CA LYS A 66 -5.30 17.74 -9.54
C LYS A 66 -4.34 18.56 -10.43
N ASP A 67 -3.07 18.61 -10.05
CA ASP A 67 -2.01 19.14 -10.92
C ASP A 67 -1.30 18.12 -11.78
N GLY A 68 -1.63 16.84 -11.72
CA GLY A 68 -0.79 15.84 -12.40
C GLY A 68 0.40 15.31 -11.58
N THR A 69 0.52 15.75 -10.32
CA THR A 69 1.58 15.30 -9.43
C THR A 69 1.38 13.86 -8.99
N ASN A 70 2.47 13.11 -9.04
CA ASN A 70 2.47 11.72 -8.65
C ASN A 70 2.01 11.47 -7.26
N LEU A 71 1.15 10.46 -7.12
CA LEU A 71 0.77 9.94 -5.79
C LEU A 71 1.39 8.57 -5.45
N GLU A 72 1.99 7.93 -6.47
CA GLU A 72 2.77 6.68 -6.34
C GLU A 72 1.90 5.50 -5.94
N LEU A 73 0.65 5.53 -6.36
CA LEU A 73 -0.29 4.42 -6.25
C LEU A 73 -0.84 4.06 -7.61
N THR A 74 -0.90 2.75 -7.89
CA THR A 74 -1.70 2.22 -8.95
C THR A 74 -2.86 1.39 -8.46
N LEU A 75 -4.04 1.73 -8.99
CA LEU A 75 -5.24 0.98 -8.72
C LEU A 75 -5.48 -0.05 -9.80
N LEU A 76 -5.85 -1.25 -9.40
CA LEU A 76 -5.95 -2.40 -10.29
C LEU A 76 -7.28 -3.08 -10.16
N LYS A 77 -7.95 -3.28 -11.30
CA LYS A 77 -9.18 -4.03 -11.34
C LYS A 77 -8.78 -5.40 -11.84
N LEU A 78 -9.07 -6.41 -11.05
CA LEU A 78 -8.62 -7.77 -11.32
C LEU A 78 -9.71 -8.68 -11.90
N ASN A 79 -9.35 -9.45 -12.92
CA ASN A 79 -10.28 -10.39 -13.47
C ASN A 79 -10.44 -11.68 -12.63
N ARG A 80 -11.25 -11.62 -11.57
CA ARG A 80 -11.49 -12.77 -10.69
C ARG A 80 -12.91 -12.77 -10.05
N ASN A 81 -13.41 -13.98 -9.77
CA ASN A 81 -14.72 -14.20 -9.11
C ASN A 81 -14.82 -13.62 -7.72
N GLU A 82 -13.80 -13.82 -6.90
CA GLU A 82 -13.92 -13.46 -5.52
C GLU A 82 -13.80 -11.92 -5.44
N LYS A 83 -14.62 -11.33 -4.57
CA LYS A 83 -14.61 -9.92 -4.26
C LYS A 83 -13.84 -9.73 -2.95
N PHE A 84 -13.11 -8.64 -2.86
CA PHE A 84 -12.45 -8.24 -1.63
C PHE A 84 -13.49 -7.79 -0.65
N ARG A 85 -13.34 -8.20 0.59
CA ARG A 85 -14.01 -7.57 1.66
C ARG A 85 -13.80 -6.05 1.57
N ASP A 86 -14.89 -5.31 1.78
CA ASP A 86 -14.90 -3.85 1.53
C ASP A 86 -14.28 -3.11 2.71
N ILE A 87 -13.11 -2.48 2.52
CA ILE A 87 -12.36 -1.84 3.60
C ILE A 87 -12.27 -0.32 3.43
N ARG A 88 -13.15 0.22 2.61
CA ARG A 88 -13.16 1.66 2.43
C ARG A 88 -13.49 2.47 3.70
N GLY A 89 -14.23 1.91 4.65
CA GLY A 89 -14.56 2.58 5.88
C GLY A 89 -13.30 2.73 6.74
N PHE A 90 -12.22 1.96 6.44
CA PHE A 90 -10.93 2.08 7.20
C PHE A 90 -9.96 3.11 6.63
N LEU A 91 -10.33 3.68 5.48
CA LEU A 91 -9.54 4.68 4.80
C LEU A 91 -10.04 6.09 5.16
N ALA A 92 -9.11 6.96 5.57
CA ALA A 92 -9.43 8.32 5.95
C ALA A 92 -9.69 9.19 4.75
N LYS A 93 -10.30 10.34 4.99
CA LYS A 93 -10.53 11.33 3.94
C LYS A 93 -9.31 12.19 3.64
N GLU A 94 -8.43 12.26 4.62
CA GLU A 94 -7.19 13.03 4.51
C GLU A 94 -6.13 12.29 5.29
N GLU A 95 -4.89 12.70 5.08
CA GLU A 95 -3.67 12.11 5.69
C GLU A 95 -3.74 11.95 7.21
N VAL A 96 -3.53 10.73 7.72
CA VAL A 96 -3.58 10.50 9.15
C VAL A 96 -2.20 10.53 9.80
N GLU A 97 -2.07 11.29 10.91
CA GLU A 97 -0.89 11.21 11.76
C GLU A 97 -1.21 10.44 12.98
N VAL A 98 -0.32 9.51 13.36
CA VAL A 98 -0.49 8.68 14.58
C VAL A 98 0.84 8.53 15.31
N ASN A 99 0.73 8.26 16.61
CA ASN A 99 1.94 8.12 17.46
C ASN A 99 2.58 6.75 17.32
N GLU A 100 1.74 5.75 17.03
CA GLU A 100 2.13 4.32 16.90
C GLU A 100 1.46 3.67 15.68
N ALA A 101 2.27 3.18 14.77
CA ALA A 101 1.74 2.52 13.64
C ALA A 101 2.46 1.17 13.46
N VAL A 102 1.79 0.26 12.72
CA VAL A 102 2.42 -1.01 12.33
C VAL A 102 2.47 -1.10 10.80
N LEU A 103 3.63 -1.51 10.25
CA LEU A 103 3.78 -1.74 8.87
C LEU A 103 3.77 -3.27 8.67
N ALA A 104 2.90 -3.74 7.80
CA ALA A 104 2.70 -5.19 7.54
C ALA A 104 3.14 -5.54 6.14
N ILE A 105 3.93 -6.58 6.05
CA ILE A 105 4.53 -7.09 4.78
C ILE A 105 4.07 -8.50 4.52
N ASN A 106 3.77 -8.82 3.26
CA ASN A 106 3.35 -10.22 2.91
C ASN A 106 3.93 -10.55 1.53
N THR A 107 5.16 -10.95 1.51
CA THR A 107 5.79 -11.41 0.24
C THR A 107 6.29 -12.87 0.47
N SER A 108 7.06 -13.42 -0.48
CA SER A 108 7.85 -14.66 -0.25
C SER A 108 9.03 -14.38 0.66
N LYS A 109 9.70 -13.26 0.44
CA LYS A 109 10.81 -12.74 1.28
C LYS A 109 10.36 -12.43 2.74
N PHE A 110 9.46 -11.46 2.91
CA PHE A 110 8.94 -11.12 4.26
C PHE A 110 7.54 -11.72 4.39
N PRO A 111 7.47 -13.01 4.67
CA PRO A 111 6.09 -13.45 4.78
C PRO A 111 5.58 -13.13 6.17
N ASN A 112 4.35 -12.66 6.26
CA ASN A 112 3.69 -12.37 7.53
C ASN A 112 4.55 -11.67 8.56
N MET A 113 5.22 -10.61 8.18
CA MET A 113 6.03 -9.84 9.06
C MET A 113 5.34 -8.51 9.42
N TYR A 114 5.49 -8.05 10.66
CA TYR A 114 4.89 -6.82 11.19
C TYR A 114 5.96 -6.03 11.85
N ILE A 115 5.97 -4.73 11.57
CA ILE A 115 7.02 -3.88 12.09
C ILE A 115 6.40 -2.65 12.84
N PRO A 116 6.70 -2.47 14.12
CA PRO A 116 6.20 -1.28 14.83
C PRO A 116 7.07 -0.10 14.45
N VAL A 117 6.57 0.80 13.62
CA VAL A 117 7.40 1.89 13.08
C VAL A 117 7.40 3.16 13.94
N GLY A 118 6.52 3.21 14.92
CA GLY A 118 6.46 4.40 15.78
C GLY A 118 5.64 5.49 15.10
N GLN A 119 6.14 6.72 15.23
CA GLN A 119 5.35 7.90 14.84
C GLN A 119 5.25 8.03 13.32
N VAL A 120 4.06 8.36 12.87
CA VAL A 120 3.79 8.64 11.46
C VAL A 120 3.42 10.10 11.31
N THR A 121 4.15 10.81 10.44
CA THR A 121 3.89 12.23 10.24
C THR A 121 3.61 12.51 8.79
N GLU A 122 2.80 13.56 8.60
CA GLU A 122 2.46 14.02 7.28
C GLU A 122 3.74 14.68 6.81
N TYR A 123 4.35 14.10 5.79
CA TYR A 123 5.59 14.61 5.24
C TYR A 123 5.21 15.47 4.06
N GLY A 124 4.14 15.11 3.39
CA GLY A 124 3.73 15.84 2.20
C GLY A 124 4.65 15.57 1.03
N PHE A 125 5.42 16.59 0.65
CA PHE A 125 6.18 16.53 -0.60
C PHE A 125 7.50 15.76 -0.48
N LEU A 126 7.80 14.92 -1.45
CA LEU A 126 9.06 14.18 -1.48
C LEU A 126 9.49 14.00 -2.90
N ASN A 127 10.75 14.24 -3.18
CA ASN A 127 11.33 13.85 -4.45
C ASN A 127 11.77 12.38 -4.32
N LEU A 128 10.94 11.47 -4.85
CA LEU A 128 11.05 10.05 -4.62
C LEU A 128 11.65 9.40 -5.85
N GLY A 129 12.93 9.03 -5.74
CA GLY A 129 13.69 8.51 -6.87
C GLY A 129 13.55 9.36 -8.13
N GLY A 130 13.92 10.63 -8.03
CA GLY A 130 13.73 11.57 -9.16
C GLY A 130 12.32 12.08 -9.43
N THR A 131 11.26 11.54 -8.76
CA THR A 131 9.89 12.03 -9.00
C THR A 131 9.23 12.83 -7.89
N PRO A 132 8.77 14.07 -8.21
CA PRO A 132 8.05 14.85 -7.21
C PRO A 132 6.79 14.11 -6.80
N THR A 133 6.57 13.97 -5.49
CA THR A 133 5.48 13.08 -5.04
C THR A 133 4.86 13.76 -3.84
N LYS A 134 3.54 13.66 -3.72
CA LYS A 134 2.81 14.32 -2.63
C LYS A 134 2.06 13.31 -1.82
N ARG A 135 1.54 13.80 -0.68
CA ARG A 135 0.74 13.02 0.29
C ARG A 135 1.53 11.88 0.88
N MET A 136 2.82 12.11 1.12
CA MET A 136 3.67 11.09 1.77
C MET A 136 3.51 11.14 3.28
N LEU A 137 3.47 9.96 3.89
CA LEU A 137 3.46 9.75 5.32
C LEU A 137 4.84 9.17 5.65
N MET A 138 5.51 9.73 6.67
CA MET A 138 6.88 9.36 7.02
C MET A 138 6.97 8.72 8.40
N TYR A 139 7.90 7.77 8.51
CA TYR A 139 8.19 7.06 9.80
C TYR A 139 9.69 6.79 9.75
N ASN A 140 10.28 6.79 10.94
CA ASN A 140 11.68 6.71 11.15
C ASN A 140 11.93 5.34 11.51
N PHE A 141 11.79 4.47 10.52
CA PHE A 141 12.31 3.14 10.60
C PHE A 141 13.10 2.89 9.31
N PRO A 142 14.25 2.18 9.35
CA PRO A 142 15.05 1.92 8.16
C PRO A 142 14.50 0.84 7.25
N THR A 143 13.44 1.18 6.55
CA THR A 143 12.80 0.19 5.69
C THR A 143 13.76 -0.16 4.56
N ARG A 144 13.56 -1.37 4.00
CA ARG A 144 14.47 -1.92 2.99
C ARG A 144 13.69 -2.53 1.85
N ALA A 145 14.45 -2.81 0.79
CA ALA A 145 13.90 -3.38 -0.40
C ALA A 145 13.13 -4.68 -0.10
N GLY A 146 11.90 -4.78 -0.64
CA GLY A 146 11.04 -5.95 -0.40
C GLY A 146 9.88 -5.57 0.49
N GLN A 147 9.84 -4.32 0.92
CA GLN A 147 8.76 -3.86 1.79
C GLN A 147 7.72 -3.07 1.04
N CYS A 148 7.98 -2.83 -0.25
CA CYS A 148 7.06 -2.07 -1.03
C CYS A 148 5.73 -2.78 -1.18
N GLY A 149 4.69 -1.99 -0.96
CA GLY A 149 3.32 -2.44 -0.94
C GLY A 149 2.93 -2.76 0.47
N GLY A 150 3.90 -2.73 1.42
CA GLY A 150 3.57 -2.98 2.82
C GLY A 150 2.38 -2.11 3.20
N VAL A 151 1.57 -2.59 4.10
CA VAL A 151 0.38 -1.81 4.50
C VAL A 151 0.60 -1.14 5.90
N LEU A 152 0.44 0.19 5.98
CA LEU A 152 0.66 0.96 7.16
C LEU A 152 -0.70 1.07 7.86
N MET A 153 -0.74 0.72 9.13
CA MET A 153 -1.98 0.66 9.90
C MET A 153 -1.82 1.17 11.33
N SER A 154 -2.92 1.69 11.91
CA SER A 154 -3.09 1.79 13.33
C SER A 154 -4.44 1.18 13.72
N THR A 155 -4.78 1.20 14.99
CA THR A 155 -5.97 0.50 15.39
C THR A 155 -7.17 1.10 14.64
N GLY A 156 -7.85 0.24 13.90
CA GLY A 156 -9.04 0.62 13.11
C GLY A 156 -8.78 1.53 11.89
N LYS A 157 -7.52 1.67 11.45
CA LYS A 157 -7.21 2.59 10.39
C LYS A 157 -6.19 1.95 9.45
N VAL A 158 -6.48 2.07 8.16
CA VAL A 158 -5.52 1.73 7.09
C VAL A 158 -5.01 3.09 6.61
N LEU A 159 -3.73 3.35 6.86
CA LEU A 159 -3.19 4.69 6.67
C LEU A 159 -2.61 4.86 5.24
N GLY A 160 -1.95 3.85 4.71
CA GLY A 160 -1.24 4.03 3.42
C GLY A 160 -0.46 2.78 3.06
N ILE A 161 0.25 2.87 1.95
CA ILE A 161 0.96 1.77 1.36
C ILE A 161 2.44 2.24 1.30
N HIS A 162 3.34 1.39 1.75
CA HIS A 162 4.79 1.69 1.70
C HIS A 162 5.34 1.75 0.29
N VAL A 163 5.97 2.85 -0.08
CA VAL A 163 6.44 3.00 -1.45
C VAL A 163 7.86 3.36 -1.58
N GLY A 164 8.54 3.64 -0.48
CA GLY A 164 9.92 4.02 -0.65
C GLY A 164 10.60 4.26 0.68
N GLY A 165 11.89 4.49 0.59
CA GLY A 165 12.70 4.73 1.75
C GLY A 165 14.04 5.25 1.32
N ASN A 166 14.74 5.92 2.23
CA ASN A 166 16.06 6.46 1.92
C ASN A 166 17.16 5.72 2.67
N GLY A 167 16.80 4.64 3.35
CA GLY A 167 17.74 3.90 4.20
C GLY A 167 17.60 4.20 5.69
N HIS A 168 16.89 5.27 6.03
CA HIS A 168 16.78 5.69 7.41
C HIS A 168 15.33 5.93 7.79
N GLN A 169 14.54 6.44 6.85
CA GLN A 169 13.13 6.72 6.99
C GLN A 169 12.41 5.96 5.90
N GLY A 170 11.20 5.56 6.21
CA GLY A 170 10.26 4.99 5.22
C GLY A 170 9.10 5.94 4.90
N PHE A 171 8.52 5.74 3.73
CA PHE A 171 7.41 6.57 3.23
C PHE A 171 6.27 5.76 2.65
N SER A 172 5.06 6.15 3.01
CA SER A 172 3.86 5.57 2.57
C SER A 172 3.03 6.62 1.82
N ALA A 173 2.39 6.19 0.76
CA ALA A 173 1.41 6.96 0.07
C ALA A 173 0.13 6.85 0.86
N ALA A 174 -0.44 8.00 1.21
CA ALA A 174 -1.67 8.01 1.99
C ALA A 174 -2.78 7.36 1.17
N LEU A 175 -3.50 6.42 1.78
CA LEU A 175 -4.57 5.75 1.08
C LEU A 175 -5.91 6.41 1.46
N LEU A 176 -6.39 7.25 0.58
CA LEU A 176 -7.53 8.09 0.91
C LEU A 176 -8.82 7.54 0.31
N LYS A 177 -9.93 7.81 1.03
CA LYS A 177 -11.19 7.20 0.67
C LYS A 177 -11.63 7.58 -0.75
N HIS A 178 -11.38 8.83 -1.15
CA HIS A 178 -11.89 9.35 -2.39
C HIS A 178 -11.24 8.77 -3.64
N TYR A 179 -10.11 8.09 -3.48
CA TYR A 179 -9.56 7.37 -4.59
C TYR A 179 -10.44 6.18 -5.04
N PHE A 180 -11.37 5.76 -4.17
CA PHE A 180 -12.20 4.55 -4.38
C PHE A 180 -13.66 4.81 -4.40
N ASN A 181 -14.05 6.04 -4.72
CA ASN A 181 -15.43 6.32 -5.06
C ASN A 181 -15.73 5.69 -6.41
#